data_4DXY
#
_entry.id   4DXY
#
_cell.length_a   86.896
_cell.length_b   86.896
_cell.length_c   124.828
_cell.angle_alpha   90.00
_cell.angle_beta   90.00
_cell.angle_gamma   120.00
#
_symmetry.space_group_name_H-M   'P 32 2 1'
#
loop_
_entity.id
_entity.type
_entity.pdbx_description
1 polymer 'Cytochrome P450'
2 non-polymer 'PROTOPORPHYRIN IX CONTAINING FE'
3 non-polymer DI(HYDROXYETHYL)ETHER
4 water water
#
_entity_poly.entity_id   1
_entity_poly.type   'polypeptide(L)'
_entity_poly.pdbx_seq_one_letter_code
;MATNFDEAVRAKVERPANVPEDRVYEIDMYALNGIEDGYHEAWKKVQHPGIPDLIWTPFTGGHWIATNGDTVKEVYSDPT
RFSSEVIFLPKEAGEKAQMVPTKMDPPEHTPYRKALDKGLNLAKIRKVEDKVREVASSLIDSFAARGECDFAAEYAELFP
VHVFMALADLPLEDIPVLSEYARQMTRPEGNTPEEMATDLEAGNNGFYAYVDPIIRARVGGDGDDLITLMVNSEINGERI
AHDKAQGLISLLLLGGLDTVVNFLSFFMIHLARHPELVAELRSDPLKLMRGAEEMFRRFPVVSEARMVAKDQEYKGVFLK
RGDMILLPTALHGLDDAANPEPWKLDFSRRSISHSTFGGGPHRCAGMHLARMEVIVTLEEWLKRIPEFSFKEGETPIYHS
GIVAAVENVPLVWPIAR
;
_entity_poly.pdbx_strand_id   A
#
# COMPACT_ATOMS: atom_id res chain seq x y z
N ARG A 10 22.50 -10.43 -2.80
CA ARG A 10 23.66 -10.61 -3.64
C ARG A 10 24.62 -9.43 -3.54
N ALA A 11 24.62 -8.59 -4.54
CA ALA A 11 25.39 -7.34 -4.60
C ALA A 11 25.31 -6.52 -3.31
N LYS A 12 26.47 -6.33 -2.64
CA LYS A 12 26.63 -5.41 -1.52
C LYS A 12 27.45 -4.21 -1.96
N VAL A 13 27.13 -3.00 -1.48
CA VAL A 13 28.06 -1.90 -1.71
C VAL A 13 28.94 -1.72 -0.49
N GLU A 14 30.10 -1.12 -0.73
CA GLU A 14 31.08 -0.81 0.27
C GLU A 14 30.55 0.26 1.23
N ARG A 15 30.82 0.13 2.49
CA ARG A 15 30.36 1.10 3.44
C ARG A 15 30.94 2.50 3.11
N PRO A 16 30.07 3.50 2.83
CA PRO A 16 30.54 4.89 2.60
C PRO A 16 31.09 5.50 3.90
N ALA A 17 31.83 6.61 3.79
CA ALA A 17 32.54 7.26 4.90
C ALA A 17 31.54 7.87 5.86
N ASN A 18 30.34 8.20 5.38
CA ASN A 18 29.30 8.76 6.32
C ASN A 18 28.50 7.73 7.10
N VAL A 19 28.74 6.45 6.81
CA VAL A 19 28.06 5.38 7.54
C VAL A 19 28.96 4.78 8.64
N PRO A 20 28.67 5.07 9.91
CA PRO A 20 29.60 4.47 10.91
C PRO A 20 29.45 2.92 10.98
N GLU A 21 30.55 2.25 11.32
CA GLU A 21 30.54 0.80 11.44
C GLU A 21 29.44 0.25 12.31
N ASP A 22 29.13 0.90 13.43
CA ASP A 22 28.12 0.36 14.36
C ASP A 22 26.64 0.61 13.89
N ARG A 23 26.42 1.28 12.76
CA ARG A 23 25.03 1.37 12.19
C ARG A 23 24.76 0.34 11.11
N VAL A 24 25.78 -0.46 10.77
CA VAL A 24 25.65 -1.48 9.71
C VAL A 24 24.87 -2.76 10.05
N TYR A 25 23.73 -2.98 9.37
CA TYR A 25 22.95 -4.19 9.51
C TYR A 25 22.79 -4.82 8.16
N GLU A 26 22.92 -6.12 8.13
CA GLU A 26 22.74 -6.81 6.89
C GLU A 26 21.26 -7.10 6.52
N ILE A 27 20.56 -6.09 6.05
CA ILE A 27 19.12 -6.25 5.84
C ILE A 27 18.77 -6.16 4.37
N ASP A 28 18.22 -7.22 3.86
CA ASP A 28 17.65 -7.19 2.51
C ASP A 28 16.16 -6.99 2.51
N MET A 29 15.72 -5.81 2.10
CA MET A 29 14.29 -5.50 2.19
C MET A 29 13.39 -6.37 1.32
N TYR A 30 13.95 -6.98 0.28
CA TYR A 30 13.23 -7.87 -0.60
C TYR A 30 13.37 -9.35 -0.10
N ALA A 31 14.10 -9.60 0.99
CA ALA A 31 14.32 -10.98 1.42
C ALA A 31 14.68 -10.90 2.90
N LEU A 32 13.71 -10.51 3.72
CA LEU A 32 14.00 -10.29 5.13
C LEU A 32 14.33 -11.62 5.81
N ASN A 33 15.27 -11.60 6.75
CA ASN A 33 15.56 -12.82 7.52
CA ASN A 33 15.55 -12.82 7.51
C ASN A 33 14.26 -13.30 8.14
N GLY A 34 13.89 -14.55 7.84
CA GLY A 34 12.71 -15.21 8.47
C GLY A 34 11.35 -14.91 7.84
N ILE A 35 11.39 -14.33 6.64
CA ILE A 35 10.15 -13.89 5.93
C ILE A 35 9.11 -14.99 5.82
N GLU A 36 9.58 -16.25 5.79
CA GLU A 36 8.70 -17.41 5.66
C GLU A 36 7.75 -17.57 6.82
N ASP A 37 8.09 -17.04 7.97
CA ASP A 37 7.24 -17.17 9.14
C ASP A 37 6.33 -15.99 9.29
N GLY A 38 6.40 -15.07 8.32
CA GLY A 38 5.50 -13.94 8.33
C GLY A 38 6.22 -12.61 8.12
N TYR A 39 5.51 -11.70 7.46
CA TYR A 39 6.14 -10.43 7.07
C TYR A 39 6.32 -9.49 8.28
N HIS A 40 5.26 -9.34 9.08
CA HIS A 40 5.34 -8.39 10.23
C HIS A 40 6.33 -8.85 11.29
N GLU A 41 6.37 -10.17 11.50
CA GLU A 41 7.33 -10.77 12.40
C GLU A 41 8.70 -10.57 11.90
N ALA A 42 8.91 -10.71 10.57
CA ALA A 42 10.29 -10.51 10.06
C ALA A 42 10.80 -9.09 10.23
N TRP A 43 9.94 -8.10 9.95
CA TRP A 43 10.35 -6.69 10.23
C TRP A 43 10.60 -6.46 11.69
N LYS A 44 9.69 -6.95 12.52
CA LYS A 44 9.90 -6.76 14.00
C LYS A 44 11.22 -7.41 14.50
N LYS A 45 11.57 -8.55 13.91
CA LYS A 45 12.83 -9.21 14.27
C LYS A 45 13.99 -8.30 13.97
N VAL A 46 13.86 -7.40 12.99
CA VAL A 46 14.91 -6.43 12.75
C VAL A 46 14.98 -5.43 13.92
N GLN A 47 13.81 -4.98 14.39
CA GLN A 47 13.76 -3.88 15.36
C GLN A 47 13.98 -4.48 16.75
N HIS A 48 15.22 -4.91 17.03
CA HIS A 48 15.54 -5.48 18.35
C HIS A 48 15.62 -4.34 19.40
N PRO A 49 15.42 -4.67 20.71
CA PRO A 49 15.54 -3.60 21.78
C PRO A 49 16.88 -2.86 21.62
N GLY A 50 16.84 -1.52 21.71
CA GLY A 50 18.13 -0.70 21.65
C GLY A 50 18.67 -0.40 20.21
N ILE A 51 18.02 -0.93 19.17
CA ILE A 51 18.48 -0.64 17.78
C ILE A 51 18.60 0.91 17.58
N PRO A 52 19.72 1.42 17.00
CA PRO A 52 19.69 2.89 16.69
C PRO A 52 18.49 3.33 15.76
N ASP A 53 18.05 4.57 15.88
CA ASP A 53 16.89 5.13 15.10
C ASP A 53 17.12 5.05 13.56
N LEU A 54 18.38 5.19 13.14
CA LEU A 54 18.77 5.07 11.74
C LEU A 54 19.89 4.05 11.60
N ILE A 55 19.65 3.00 10.83
CA ILE A 55 20.67 2.01 10.55
C ILE A 55 20.94 2.05 9.06
N TRP A 56 21.97 1.33 8.63
CA TRP A 56 22.32 1.33 7.22
C TRP A 56 22.61 -0.10 6.76
N THR A 57 22.18 -0.42 5.56
CA THR A 57 22.43 -1.72 4.96
C THR A 57 23.16 -1.59 3.59
N PRO A 58 24.10 -2.55 3.28
CA PRO A 58 24.82 -2.59 1.99
C PRO A 58 24.05 -3.21 0.83
N PHE A 59 22.89 -3.79 1.09
CA PHE A 59 22.06 -4.42 0.08
C PHE A 59 21.27 -3.31 -0.64
N THR A 60 20.71 -3.68 -1.81
CA THR A 60 19.79 -2.86 -2.59
C THR A 60 20.39 -1.47 -2.82
N GLY A 61 21.68 -1.40 -3.13
CA GLY A 61 22.34 -0.13 -3.46
C GLY A 61 22.98 0.57 -2.27
N GLY A 62 22.73 0.09 -1.04
CA GLY A 62 23.25 0.80 0.12
C GLY A 62 22.27 1.88 0.46
N HIS A 63 21.62 1.76 1.64
CA HIS A 63 20.59 2.77 2.05
C HIS A 63 20.38 2.70 3.57
N TRP A 64 20.02 3.82 4.15
CA TRP A 64 19.64 3.91 5.55
C TRP A 64 18.23 3.33 5.73
N ILE A 65 17.86 2.98 6.96
CA ILE A 65 16.48 2.48 7.26
C ILE A 65 16.07 3.14 8.56
N ALA A 66 14.87 3.73 8.58
CA ALA A 66 14.30 4.33 9.83
C ALA A 66 13.76 3.14 10.67
N THR A 67 14.09 3.06 11.96
CA THR A 67 13.75 1.84 12.70
C THR A 67 12.64 1.99 13.74
N ASN A 68 11.98 3.16 13.84
CA ASN A 68 10.87 3.21 14.81
C ASN A 68 9.89 4.25 14.38
N GLY A 69 8.80 4.37 15.14
CA GLY A 69 7.69 5.25 14.77
C GLY A 69 8.05 6.69 14.70
N ASP A 70 8.85 7.10 15.69
CA ASP A 70 9.24 8.51 15.73
CA ASP A 70 9.37 8.47 15.76
C ASP A 70 10.07 8.87 14.50
N THR A 71 10.96 8.00 14.05
CA THR A 71 11.81 8.32 12.89
C THR A 71 11.01 8.22 11.55
N VAL A 72 10.24 7.16 11.39
CA VAL A 72 9.34 6.99 10.19
C VAL A 72 8.51 8.23 9.99
N LYS A 73 7.83 8.69 11.06
CA LYS A 73 6.94 9.85 11.02
C LYS A 73 7.65 11.04 10.54
N GLU A 74 8.81 11.25 11.14
CA GLU A 74 9.51 12.48 10.93
C GLU A 74 10.08 12.51 9.48
N VAL A 75 10.58 11.39 8.99
CA VAL A 75 11.17 11.41 7.63
C VAL A 75 10.06 11.62 6.58
N TYR A 76 8.90 11.02 6.87
CA TYR A 76 7.75 11.18 6.06
C TYR A 76 7.21 12.57 5.95
N SER A 77 7.46 13.41 6.93
CA SER A 77 6.71 14.61 6.96
C SER A 77 7.48 15.89 6.67
N ASP A 78 8.70 15.78 6.15
CA ASP A 78 9.47 17.03 5.86
C ASP A 78 10.14 16.98 4.45
N PRO A 79 9.44 17.38 3.39
CA PRO A 79 9.95 17.32 2.03
C PRO A 79 11.17 18.19 1.80
N THR A 80 11.41 19.22 2.61
CA THR A 80 12.66 20.03 2.48
C THR A 80 13.96 19.25 2.85
N ARG A 81 13.86 18.42 3.89
CA ARG A 81 14.93 17.54 4.30
C ARG A 81 14.92 16.17 3.56
N PHE A 82 13.75 15.67 3.18
CA PHE A 82 13.65 14.31 2.70
C PHE A 82 12.65 14.28 1.57
N SER A 83 13.12 14.15 0.32
CA SER A 83 12.37 14.54 -0.86
C SER A 83 11.86 13.24 -1.45
N SER A 84 10.74 13.32 -2.16
CA SER A 84 10.26 12.15 -2.88
CA SER A 84 10.21 12.19 -2.90
C SER A 84 10.86 12.09 -4.31
N GLU A 85 11.98 12.79 -4.50
CA GLU A 85 12.67 12.76 -5.78
C GLU A 85 12.92 11.31 -6.22
N VAL A 86 13.29 10.45 -5.28
CA VAL A 86 13.33 9.00 -5.52
C VAL A 86 12.65 8.39 -4.31
N ILE A 87 11.70 7.50 -4.55
CA ILE A 87 11.01 6.92 -3.41
C ILE A 87 11.16 5.36 -3.40
N PHE A 88 11.79 4.82 -4.46
CA PHE A 88 11.78 3.34 -4.66
C PHE A 88 13.19 2.84 -4.53
N LEU A 89 13.41 1.75 -3.80
CA LEU A 89 14.75 1.16 -3.66
C LEU A 89 14.77 -0.10 -4.56
N PRO A 90 15.84 -0.35 -5.30
CA PRO A 90 17.07 0.37 -5.33
C PRO A 90 16.90 1.66 -6.15
N LYS A 91 17.75 2.62 -5.82
CA LYS A 91 17.67 3.97 -6.33
C LYS A 91 17.66 4.05 -7.87
N GLU A 92 18.43 3.19 -8.55
CA GLU A 92 18.27 2.92 -10.03
C GLU A 92 16.84 2.53 -10.51
N ALA A 93 16.15 1.62 -9.80
CA ALA A 93 14.70 1.47 -10.02
C ALA A 93 13.95 2.75 -9.61
N GLY A 94 13.00 3.10 -10.44
CA GLY A 94 12.17 4.23 -10.16
C GLY A 94 11.23 4.40 -11.33
N GLU A 95 11.75 4.99 -12.40
CA GLU A 95 13.06 5.65 -12.31
C GLU A 95 13.38 6.46 -13.51
N LYS A 96 12.36 6.71 -14.31
CA LYS A 96 12.54 7.48 -15.49
C LYS A 96 11.12 7.95 -15.66
N ALA A 97 10.23 7.00 -15.50
CA ALA A 97 8.81 7.24 -15.47
C ALA A 97 8.52 8.04 -14.25
N GLN A 98 7.77 9.11 -14.41
CA GLN A 98 7.72 9.97 -13.22
CA GLN A 98 7.68 10.01 -13.25
C GLN A 98 6.54 9.69 -12.29
N MET A 99 5.57 8.92 -12.78
CA MET A 99 4.38 8.54 -12.02
C MET A 99 3.83 9.73 -11.18
N VAL A 100 3.64 10.87 -11.85
CA VAL A 100 3.18 12.16 -11.28
C VAL A 100 1.95 11.92 -10.43
N PRO A 101 1.88 12.53 -9.23
CA PRO A 101 2.79 13.40 -8.58
C PRO A 101 3.64 12.70 -7.51
N THR A 102 3.76 11.35 -7.53
CA THR A 102 4.42 10.63 -6.40
C THR A 102 5.90 10.96 -6.17
N LYS A 103 6.57 11.52 -7.19
CA LYS A 103 7.96 11.90 -7.02
C LYS A 103 8.10 13.41 -6.97
N MET A 104 7.02 14.15 -6.92
CA MET A 104 7.13 15.61 -6.72
C MET A 104 7.13 15.98 -5.24
N ASP A 105 7.79 17.09 -4.92
CA ASP A 105 7.59 17.78 -3.64
C ASP A 105 6.64 18.95 -3.85
N PRO A 106 6.01 19.43 -2.77
CA PRO A 106 5.33 20.75 -2.88
C PRO A 106 6.38 21.81 -3.35
N PRO A 107 5.98 22.83 -4.15
CA PRO A 107 4.60 23.13 -4.51
C PRO A 107 4.24 22.37 -5.74
N GLU A 108 5.18 21.71 -6.46
CA GLU A 108 4.79 21.10 -7.76
C GLU A 108 3.68 20.07 -7.55
N HIS A 109 3.79 19.38 -6.41
CA HIS A 109 2.94 18.23 -6.09
C HIS A 109 1.47 18.67 -5.94
N THR A 110 1.27 19.85 -5.37
CA THR A 110 -0.04 20.21 -4.81
C THR A 110 -1.23 20.13 -5.78
N PRO A 111 -1.08 20.67 -7.00
CA PRO A 111 -2.32 20.70 -7.76
C PRO A 111 -2.64 19.34 -8.40
N TYR A 112 -1.64 18.51 -8.61
CA TYR A 112 -1.87 17.09 -8.93
C TYR A 112 -2.59 16.36 -7.80
N ARG A 113 -2.16 16.62 -6.55
CA ARG A 113 -2.83 16.00 -5.38
C ARG A 113 -4.25 16.54 -5.27
N LYS A 114 -4.45 17.81 -5.63
CA LYS A 114 -5.79 18.38 -5.53
C LYS A 114 -6.69 17.63 -6.57
N ALA A 115 -6.16 17.26 -7.73
CA ALA A 115 -6.97 16.53 -8.69
C ALA A 115 -7.30 15.13 -8.15
N LEU A 116 -6.30 14.43 -7.60
CA LEU A 116 -6.59 13.14 -6.95
C LEU A 116 -7.64 13.29 -5.89
N ASP A 117 -7.53 14.35 -5.06
CA ASP A 117 -8.48 14.45 -3.97
C ASP A 117 -9.95 14.56 -4.41
N LYS A 118 -10.23 15.03 -5.61
CA LYS A 118 -11.61 15.17 -6.05
C LYS A 118 -12.26 13.84 -6.13
N GLY A 119 -11.50 12.79 -6.45
CA GLY A 119 -12.06 11.42 -6.57
C GLY A 119 -12.08 10.64 -5.28
N LEU A 120 -11.24 11.07 -4.33
CA LEU A 120 -10.96 10.23 -3.13
C LEU A 120 -11.30 10.87 -1.78
N ASN A 121 -11.78 12.08 -1.74
CA ASN A 121 -12.04 12.73 -0.44
C ASN A 121 -13.16 12.04 0.36
N LEU A 122 -13.17 12.23 1.69
CA LEU A 122 -14.03 11.48 2.57
C LEU A 122 -15.53 11.62 2.17
N ALA A 123 -15.93 12.87 1.85
CA ALA A 123 -17.33 13.16 1.50
C ALA A 123 -17.64 12.40 0.21
N LYS A 124 -16.71 12.41 -0.74
CA LYS A 124 -16.92 11.70 -1.99
C LYS A 124 -17.03 10.19 -1.79
N ILE A 125 -16.17 9.63 -0.95
CA ILE A 125 -16.21 8.21 -0.67
C ILE A 125 -17.45 7.70 0.00
N ARG A 126 -18.07 8.49 0.90
CA ARG A 126 -19.33 8.13 1.48
C ARG A 126 -20.36 7.67 0.43
N LYS A 127 -20.39 8.37 -0.68
CA LYS A 127 -21.40 8.19 -1.73
C LYS A 127 -21.13 6.96 -2.58
N VAL A 128 -19.98 6.32 -2.43
CA VAL A 128 -19.74 5.06 -3.19
C VAL A 128 -19.89 3.79 -2.29
N GLU A 129 -20.19 4.00 -1.03
CA GLU A 129 -20.33 2.90 -0.15
C GLU A 129 -21.23 1.78 -0.72
N ASP A 130 -22.37 2.11 -1.33
CA ASP A 130 -23.25 1.05 -1.86
C ASP A 130 -22.57 0.23 -3.00
N LYS A 131 -21.93 0.89 -3.96
CA LYS A 131 -21.13 0.19 -4.96
C LYS A 131 -20.03 -0.72 -4.39
N VAL A 132 -19.30 -0.25 -3.39
CA VAL A 132 -18.25 -1.10 -2.77
C VAL A 132 -18.88 -2.29 -2.02
N ARG A 133 -20.01 -2.05 -1.38
CA ARG A 133 -20.71 -3.11 -0.65
C ARG A 133 -21.20 -4.22 -1.62
N GLU A 134 -21.73 -3.79 -2.75
CA GLU A 134 -22.12 -4.71 -3.84
C GLU A 134 -20.95 -5.57 -4.32
N VAL A 135 -19.80 -4.93 -4.60
CA VAL A 135 -18.59 -5.68 -4.95
C VAL A 135 -18.31 -6.73 -3.89
N ALA A 136 -18.35 -6.36 -2.61
CA ALA A 136 -17.96 -7.26 -1.55
C ALA A 136 -18.99 -8.40 -1.34
N SER A 137 -20.29 -8.07 -1.29
CA SER A 137 -21.30 -9.11 -1.03
C SER A 137 -21.42 -10.14 -2.18
N SER A 138 -21.26 -9.60 -3.40
CA SER A 138 -21.28 -10.34 -4.64
C SER A 138 -20.09 -11.29 -4.83
N LEU A 139 -18.85 -10.81 -4.54
CA LEU A 139 -17.71 -11.71 -4.42
C LEU A 139 -17.92 -12.82 -3.40
N ILE A 140 -18.43 -12.48 -2.21
CA ILE A 140 -18.59 -13.42 -1.14
C ILE A 140 -19.65 -14.50 -1.47
N ASP A 141 -20.69 -14.06 -2.19
CA ASP A 141 -21.81 -14.91 -2.61
C ASP A 141 -21.32 -15.96 -3.56
N SER A 142 -20.36 -15.58 -4.40
CA SER A 142 -19.76 -16.53 -5.28
C SER A 142 -19.25 -17.79 -4.56
N PHE A 143 -18.86 -17.70 -3.29
CA PHE A 143 -18.30 -18.86 -2.57
C PHE A 143 -18.88 -19.13 -1.20
N ALA A 144 -19.78 -18.30 -0.69
CA ALA A 144 -20.21 -18.56 0.65
C ALA A 144 -20.77 -20.00 0.83
N ALA A 145 -21.57 -20.44 -0.17
CA ALA A 145 -22.22 -21.78 -0.13
C ALA A 145 -21.21 -22.95 -0.11
N ARG A 146 -20.05 -22.77 -0.75
CA ARG A 146 -18.97 -23.76 -0.69
C ARG A 146 -18.43 -24.19 0.68
N GLY A 147 -18.31 -23.28 1.65
CA GLY A 147 -17.75 -23.66 2.97
C GLY A 147 -16.22 -23.64 3.01
N GLU A 148 -15.64 -23.16 1.93
CA GLU A 148 -14.22 -22.89 1.84
C GLU A 148 -13.86 -22.00 0.66
N CYS A 149 -12.74 -21.29 0.69
CA CYS A 149 -12.22 -20.60 -0.49
C CYS A 149 -10.75 -20.24 -0.23
N ASP A 150 -10.00 -19.91 -1.28
CA ASP A 150 -8.70 -19.28 -1.06
C ASP A 150 -9.01 -17.77 -0.91
N PHE A 151 -9.07 -17.26 0.33
CA PHE A 151 -9.41 -15.83 0.48
C PHE A 151 -8.66 -14.92 -0.50
N ALA A 152 -7.36 -15.17 -0.69
CA ALA A 152 -6.50 -14.30 -1.52
C ALA A 152 -6.81 -14.30 -2.98
N ALA A 153 -7.02 -15.49 -3.55
CA ALA A 153 -7.23 -15.59 -4.95
C ALA A 153 -8.71 -15.31 -5.25
N GLU A 154 -9.60 -15.63 -4.33
CA GLU A 154 -11.04 -15.56 -4.71
C GLU A 154 -11.73 -14.32 -4.16
N TYR A 155 -11.01 -13.54 -3.37
CA TYR A 155 -11.59 -12.26 -2.89
C TYR A 155 -10.59 -11.13 -3.04
N ALA A 156 -9.50 -11.22 -2.27
CA ALA A 156 -8.52 -10.12 -2.20
C ALA A 156 -8.03 -9.65 -3.58
N GLU A 157 -7.66 -10.62 -4.42
CA GLU A 157 -7.06 -10.28 -5.72
C GLU A 157 -8.06 -9.66 -6.65
N LEU A 158 -9.30 -10.03 -6.43
CA LEU A 158 -10.38 -9.55 -7.29
C LEU A 158 -10.97 -8.21 -6.87
N PHE A 159 -11.03 -8.01 -5.59
CA PHE A 159 -11.75 -6.89 -5.05
C PHE A 159 -11.31 -5.48 -5.54
N PRO A 160 -10.02 -5.12 -5.49
CA PRO A 160 -9.62 -3.76 -5.91
C PRO A 160 -10.01 -3.49 -7.35
N VAL A 161 -9.72 -4.45 -8.26
CA VAL A 161 -10.10 -4.23 -9.66
C VAL A 161 -11.61 -4.03 -9.83
N HIS A 162 -12.43 -4.82 -9.15
CA HIS A 162 -13.89 -4.60 -9.23
C HIS A 162 -14.29 -3.26 -8.66
N VAL A 163 -13.68 -2.89 -7.52
CA VAL A 163 -13.87 -1.51 -7.03
C VAL A 163 -13.49 -0.46 -8.05
N PHE A 164 -12.34 -0.60 -8.69
CA PHE A 164 -11.93 0.40 -9.65
C PHE A 164 -12.92 0.54 -10.82
N MET A 165 -13.42 -0.58 -11.32
CA MET A 165 -14.43 -0.52 -12.39
C MET A 165 -15.61 0.31 -12.00
N ALA A 166 -16.10 0.14 -10.76
CA ALA A 166 -17.27 0.85 -10.34
C ALA A 166 -16.93 2.31 -10.18
N LEU A 167 -15.75 2.64 -9.64
CA LEU A 167 -15.44 4.05 -9.38
C LEU A 167 -15.06 4.78 -10.61
N ALA A 168 -14.50 4.08 -11.60
CA ALA A 168 -14.10 4.71 -12.82
C ALA A 168 -15.14 4.53 -13.96
N ASP A 169 -16.28 3.95 -13.58
CA ASP A 169 -17.43 3.60 -14.44
C ASP A 169 -16.94 2.94 -15.74
N LEU A 170 -16.51 1.69 -15.59
CA LEU A 170 -15.97 0.87 -16.72
C LEU A 170 -16.76 -0.42 -16.84
N PRO A 171 -16.90 -0.95 -18.08
CA PRO A 171 -17.78 -2.13 -18.29
C PRO A 171 -17.18 -3.32 -17.57
N LEU A 172 -17.99 -4.10 -16.82
CA LEU A 172 -17.44 -5.19 -16.00
C LEU A 172 -16.81 -6.25 -16.89
N GLU A 173 -17.23 -6.22 -18.15
CA GLU A 173 -16.72 -7.13 -19.16
C GLU A 173 -15.25 -6.95 -19.33
N ASP A 174 -14.73 -5.75 -19.03
CA ASP A 174 -13.31 -5.43 -19.29
C ASP A 174 -12.38 -5.87 -18.19
N ILE A 175 -12.92 -6.49 -17.15
CA ILE A 175 -12.08 -7.00 -16.08
C ILE A 175 -10.87 -7.84 -16.59
N PRO A 176 -11.09 -8.83 -17.54
CA PRO A 176 -9.88 -9.63 -17.91
C PRO A 176 -8.75 -8.79 -18.51
N VAL A 177 -9.07 -7.87 -19.42
CA VAL A 177 -7.99 -7.11 -19.99
C VAL A 177 -7.34 -6.14 -18.92
N LEU A 178 -8.16 -5.44 -18.16
CA LEU A 178 -7.59 -4.64 -17.01
C LEU A 178 -6.82 -5.47 -16.03
N SER A 179 -7.30 -6.67 -15.76
CA SER A 179 -6.57 -7.55 -14.81
C SER A 179 -5.18 -7.94 -15.30
N GLU A 180 -5.12 -8.22 -16.61
CA GLU A 180 -3.88 -8.59 -17.21
C GLU A 180 -2.94 -7.39 -17.09
N TYR A 181 -3.36 -6.18 -17.45
CA TYR A 181 -2.43 -5.05 -17.46
C TYR A 181 -2.00 -4.70 -16.03
N ALA A 182 -2.93 -4.86 -15.08
CA ALA A 182 -2.62 -4.70 -13.62
C ALA A 182 -1.50 -5.67 -13.18
N ARG A 183 -1.63 -6.97 -13.50
CA ARG A 183 -0.54 -7.92 -13.22
C ARG A 183 0.83 -7.34 -13.71
N GLN A 184 0.90 -7.02 -15.00
CA GLN A 184 2.11 -6.49 -15.63
C GLN A 184 2.68 -5.15 -15.00
N MET A 185 1.77 -4.22 -14.75
CA MET A 185 2.09 -2.92 -14.14
C MET A 185 2.55 -3.07 -12.68
N THR A 186 2.02 -4.04 -11.93
CA THR A 186 2.36 -4.12 -10.51
C THR A 186 3.42 -5.13 -10.10
N ARG A 187 3.61 -6.18 -10.89
CA ARG A 187 4.67 -7.13 -10.65
C ARG A 187 5.24 -7.66 -11.96
N PRO A 188 6.04 -6.81 -12.64
CA PRO A 188 6.72 -7.18 -13.88
C PRO A 188 7.60 -8.43 -13.70
N GLU A 189 7.60 -9.31 -14.71
CA GLU A 189 8.47 -10.50 -14.74
C GLU A 189 9.35 -10.38 -16.02
N GLY A 190 10.56 -10.95 -16.09
CA GLY A 190 11.17 -11.77 -15.07
C GLY A 190 12.68 -11.98 -15.34
N ASN A 191 13.04 -12.68 -16.42
CA ASN A 191 14.42 -13.24 -16.56
C ASN A 191 15.63 -12.30 -16.67
N THR A 192 15.51 -11.24 -17.46
CA THR A 192 16.57 -10.22 -17.61
C THR A 192 15.96 -8.81 -17.33
N PRO A 193 16.81 -7.79 -17.01
CA PRO A 193 16.30 -6.42 -17.01
C PRO A 193 15.51 -6.07 -18.29
N GLU A 194 16.01 -6.47 -19.46
CA GLU A 194 15.31 -6.29 -20.76
C GLU A 194 13.88 -6.88 -20.78
N GLU A 195 13.76 -8.07 -20.18
CA GLU A 195 12.50 -8.78 -20.07
C GLU A 195 11.52 -8.04 -19.17
N MET A 196 11.99 -7.57 -18.02
CA MET A 196 11.08 -6.88 -17.10
C MET A 196 10.57 -5.58 -17.63
N ALA A 197 11.46 -4.81 -18.28
CA ALA A 197 11.07 -3.54 -18.89
C ALA A 197 9.98 -3.73 -19.95
N THR A 198 10.13 -4.77 -20.78
CA THR A 198 9.16 -5.06 -21.83
C THR A 198 7.78 -5.39 -21.21
N ASP A 199 7.80 -6.25 -20.19
CA ASP A 199 6.63 -6.69 -19.44
C ASP A 199 5.88 -5.49 -18.80
N LEU A 200 6.62 -4.65 -18.09
CA LEU A 200 6.06 -3.45 -17.49
C LEU A 200 5.42 -2.53 -18.52
N GLU A 201 6.13 -2.32 -19.64
CA GLU A 201 5.65 -1.51 -20.74
C GLU A 201 4.37 -2.13 -21.32
N ALA A 202 4.26 -3.46 -21.29
CA ALA A 202 3.01 -4.07 -21.86
C ALA A 202 1.87 -3.61 -20.96
N GLY A 203 2.03 -3.78 -19.64
CA GLY A 203 1.09 -3.24 -18.64
C GLY A 203 0.79 -1.77 -18.81
N ASN A 204 1.83 -0.92 -18.71
CA ASN A 204 1.70 0.55 -18.78
C ASN A 204 1.13 1.03 -20.09
N ASN A 205 1.68 0.52 -21.21
CA ASN A 205 1.19 1.00 -22.50
C ASN A 205 -0.14 0.42 -22.86
N GLY A 206 -0.41 -0.84 -22.46
CA GLY A 206 -1.74 -1.42 -22.61
C GLY A 206 -2.78 -0.62 -21.90
N PHE A 207 -2.52 -0.30 -20.62
CA PHE A 207 -3.50 0.46 -19.87
C PHE A 207 -3.68 1.82 -20.53
N TYR A 208 -2.59 2.42 -20.95
CA TYR A 208 -2.63 3.71 -21.72
C TYR A 208 -3.54 3.69 -22.97
N ALA A 209 -3.36 2.70 -23.87
CA ALA A 209 -4.26 2.57 -25.04
C ALA A 209 -5.67 2.34 -24.57
N TYR A 210 -5.86 1.52 -23.54
CA TYR A 210 -7.22 1.17 -23.15
C TYR A 210 -7.99 2.44 -22.71
N VAL A 211 -7.33 3.31 -21.92
CA VAL A 211 -8.08 4.45 -21.33
C VAL A 211 -8.15 5.70 -22.21
N ASP A 212 -7.20 5.85 -23.13
CA ASP A 212 -7.20 6.93 -24.15
C ASP A 212 -8.59 7.37 -24.69
N PRO A 213 -9.35 6.48 -25.33
CA PRO A 213 -10.59 7.01 -25.89
C PRO A 213 -11.53 7.34 -24.79
N ILE A 214 -11.40 6.67 -23.65
CA ILE A 214 -12.38 6.95 -22.61
C ILE A 214 -12.10 8.37 -22.10
N ILE A 215 -10.81 8.71 -22.01
CA ILE A 215 -10.44 10.05 -21.61
C ILE A 215 -11.11 11.08 -22.52
N ARG A 216 -10.94 10.89 -23.84
CA ARG A 216 -11.44 11.83 -24.85
C ARG A 216 -12.95 11.88 -24.82
N ALA A 217 -13.61 10.75 -24.66
CA ALA A 217 -15.06 10.80 -24.57
C ALA A 217 -15.54 11.53 -23.31
N ARG A 218 -14.73 11.55 -22.24
CA ARG A 218 -15.24 12.12 -20.99
C ARG A 218 -14.87 13.58 -20.67
N VAL A 219 -13.95 14.16 -21.43
CA VAL A 219 -13.78 15.62 -21.45
C VAL A 219 -15.18 16.31 -21.59
N GLY A 220 -15.44 17.29 -20.72
CA GLY A 220 -16.68 18.06 -20.74
C GLY A 220 -17.80 17.26 -20.12
N GLY A 221 -17.51 16.07 -19.61
CA GLY A 221 -18.60 15.18 -19.22
C GLY A 221 -19.19 15.54 -17.88
N ASP A 222 -20.36 15.01 -17.55
CA ASP A 222 -20.92 15.24 -16.22
C ASP A 222 -20.96 13.99 -15.32
N GLY A 223 -20.31 12.89 -15.70
CA GLY A 223 -20.23 11.74 -14.78
C GLY A 223 -19.44 12.14 -13.49
N ASP A 224 -19.65 11.45 -12.37
CA ASP A 224 -18.78 11.73 -11.26
C ASP A 224 -17.82 10.55 -11.00
N ASP A 225 -17.47 9.80 -12.05
CA ASP A 225 -16.52 8.68 -11.98
C ASP A 225 -15.10 9.26 -12.01
N LEU A 226 -14.11 8.49 -11.58
CA LEU A 226 -12.71 8.97 -11.43
C LEU A 226 -12.13 9.49 -12.70
N ILE A 227 -12.50 8.88 -13.83
CA ILE A 227 -11.92 9.35 -15.12
C ILE A 227 -12.39 10.73 -15.55
N THR A 228 -13.70 10.99 -15.51
CA THR A 228 -14.23 12.35 -15.79
C THR A 228 -13.53 13.35 -14.82
N LEU A 229 -13.42 12.97 -13.54
CA LEU A 229 -12.92 13.94 -12.52
C LEU A 229 -11.49 14.28 -12.78
N MET A 230 -10.62 13.30 -13.06
CA MET A 230 -9.22 13.60 -13.39
C MET A 230 -9.06 14.43 -14.68
N VAL A 231 -9.76 14.04 -15.78
CA VAL A 231 -9.44 14.62 -17.10
C VAL A 231 -9.94 16.08 -17.12
N ASN A 232 -11.03 16.36 -16.41
CA ASN A 232 -11.54 17.77 -16.28
C ASN A 232 -10.88 18.61 -15.13
N SER A 233 -9.70 18.20 -14.66
CA SER A 233 -9.01 18.93 -13.59
C SER A 233 -8.16 19.99 -14.20
N GLU A 234 -8.00 21.08 -13.47
CA GLU A 234 -7.03 22.14 -13.77
C GLU A 234 -5.77 22.10 -12.96
N ILE A 235 -4.67 22.46 -13.60
CA ILE A 235 -3.37 22.46 -13.02
C ILE A 235 -2.79 23.84 -13.30
N ASN A 236 -2.59 24.65 -12.24
CA ASN A 236 -2.09 26.01 -12.39
C ASN A 236 -2.85 26.83 -13.47
N GLY A 237 -4.19 26.79 -13.42
CA GLY A 237 -5.03 27.64 -14.28
C GLY A 237 -5.51 27.06 -15.63
N GLU A 238 -4.98 25.91 -16.03
CA GLU A 238 -5.31 25.31 -17.33
C GLU A 238 -5.78 23.87 -17.13
N ARG A 239 -6.59 23.35 -18.06
CA ARG A 239 -7.03 21.93 -18.04
C ARG A 239 -5.79 21.06 -18.09
N ILE A 240 -5.79 19.99 -17.31
CA ILE A 240 -4.64 19.12 -17.24
C ILE A 240 -4.35 18.56 -18.62
N ALA A 241 -3.07 18.51 -18.96
CA ALA A 241 -2.59 17.74 -20.10
C ALA A 241 -3.18 16.31 -20.13
N HIS A 242 -3.44 15.85 -21.35
CA HIS A 242 -3.98 14.49 -21.60
C HIS A 242 -3.08 13.43 -20.94
N ASP A 243 -1.77 13.57 -21.08
CA ASP A 243 -0.92 12.56 -20.58
C ASP A 243 -0.88 12.57 -19.03
N LYS A 244 -1.06 13.74 -18.43
CA LYS A 244 -0.88 13.87 -17.02
C LYS A 244 -2.05 13.19 -16.43
N ALA A 245 -3.18 13.39 -17.07
CA ALA A 245 -4.40 12.79 -16.64
C ALA A 245 -4.33 11.27 -16.74
N GLN A 246 -3.62 10.74 -17.74
CA GLN A 246 -3.47 9.29 -17.91
C GLN A 246 -2.69 8.77 -16.73
N GLY A 247 -1.70 9.55 -16.34
CA GLY A 247 -0.81 9.24 -15.24
C GLY A 247 -1.59 9.17 -13.92
N LEU A 248 -2.50 10.13 -13.70
CA LEU A 248 -3.33 10.16 -12.49
C LEU A 248 -4.26 8.97 -12.49
N ILE A 249 -4.87 8.67 -13.63
CA ILE A 249 -5.75 7.53 -13.72
C ILE A 249 -5.07 6.21 -13.43
N SER A 250 -3.86 6.08 -13.92
CA SER A 250 -3.03 4.93 -13.72
C SER A 250 -2.65 4.77 -12.23
N LEU A 251 -2.22 5.87 -11.65
CA LEU A 251 -2.01 5.99 -10.23
C LEU A 251 -3.24 5.63 -9.43
N LEU A 252 -4.41 6.13 -9.80
CA LEU A 252 -5.65 5.66 -9.12
C LEU A 252 -5.85 4.19 -9.17
N LEU A 253 -5.46 3.59 -10.28
CA LEU A 253 -5.62 2.14 -10.38
C LEU A 253 -4.60 1.40 -9.49
N LEU A 254 -3.33 1.77 -9.64
CA LEU A 254 -2.29 1.01 -8.97
C LEU A 254 -2.23 1.33 -7.46
N GLY A 255 -2.58 2.53 -7.07
CA GLY A 255 -2.48 2.92 -5.64
C GLY A 255 -3.36 2.03 -4.75
N GLY A 256 -4.53 1.68 -5.25
CA GLY A 256 -5.52 0.89 -4.51
C GLY A 256 -5.52 -0.62 -4.79
N LEU A 257 -4.51 -1.07 -5.50
CA LEU A 257 -4.45 -2.46 -5.94
C LEU A 257 -3.52 -3.35 -5.03
N ASP A 258 -2.20 -3.28 -5.15
CA ASP A 258 -1.30 -4.22 -4.43
C ASP A 258 -1.41 -4.00 -2.89
N THR A 259 -1.56 -2.74 -2.49
CA THR A 259 -1.70 -2.44 -1.02
C THR A 259 -2.95 -3.17 -0.48
N VAL A 260 -4.09 -3.02 -1.19
CA VAL A 260 -5.35 -3.52 -0.70
C VAL A 260 -5.44 -5.07 -0.82
N VAL A 261 -4.98 -5.63 -1.96
CA VAL A 261 -4.87 -7.03 -2.11
C VAL A 261 -4.20 -7.72 -0.92
N ASN A 262 -3.03 -7.21 -0.52
CA ASN A 262 -2.30 -7.91 0.49
C ASN A 262 -2.79 -7.58 1.89
N PHE A 263 -3.20 -6.33 2.09
CA PHE A 263 -3.66 -5.89 3.39
C PHE A 263 -4.86 -6.73 3.82
N LEU A 264 -5.80 -6.95 2.90
CA LEU A 264 -7.05 -7.71 3.20
C LEU A 264 -6.71 -9.13 3.65
N SER A 265 -5.77 -9.81 2.96
CA SER A 265 -5.38 -11.16 3.39
C SER A 265 -4.67 -11.14 4.73
N PHE A 266 -3.81 -10.13 4.97
CA PHE A 266 -3.19 -10.05 6.29
C PHE A 266 -4.18 -10.03 7.45
N PHE A 267 -5.18 -9.17 7.39
CA PHE A 267 -6.09 -9.09 8.53
C PHE A 267 -7.02 -10.36 8.60
N MET A 268 -7.33 -10.96 7.48
CA MET A 268 -8.19 -12.19 7.39
C MET A 268 -7.47 -13.44 7.91
N ILE A 269 -6.20 -13.58 7.54
CA ILE A 269 -5.33 -14.55 8.21
C ILE A 269 -5.44 -14.39 9.72
N HIS A 270 -5.27 -13.16 10.19
CA HIS A 270 -5.34 -12.94 11.59
C HIS A 270 -6.73 -13.25 12.17
N LEU A 271 -7.83 -12.83 11.53
CA LEU A 271 -9.15 -13.10 12.10
C LEU A 271 -9.46 -14.63 12.09
N ALA A 272 -8.95 -15.30 11.05
CA ALA A 272 -9.05 -16.74 10.87
C ALA A 272 -8.49 -17.48 12.07
N ARG A 273 -7.43 -16.95 12.66
CA ARG A 273 -6.74 -17.51 13.83
C ARG A 273 -7.09 -16.90 15.23
N HIS A 274 -8.15 -16.09 15.28
CA HIS A 274 -8.67 -15.40 16.47
C HIS A 274 -10.22 -15.39 16.47
N PRO A 275 -10.85 -16.58 16.66
CA PRO A 275 -12.33 -16.68 16.59
C PRO A 275 -13.03 -15.93 17.69
N GLU A 276 -12.31 -15.66 18.77
CA GLU A 276 -12.91 -14.96 19.91
C GLU A 276 -13.08 -13.50 19.55
N LEU A 277 -12.04 -12.95 18.94
CA LEU A 277 -12.06 -11.63 18.37
C LEU A 277 -13.12 -11.48 17.28
N VAL A 278 -13.27 -12.48 16.41
CA VAL A 278 -14.35 -12.49 15.41
C VAL A 278 -15.72 -12.46 16.10
N ALA A 279 -15.91 -13.31 17.10
CA ALA A 279 -17.13 -13.29 17.93
C ALA A 279 -17.42 -11.88 18.45
N GLU A 280 -16.39 -11.23 18.99
CA GLU A 280 -16.53 -9.89 19.51
C GLU A 280 -17.01 -8.87 18.50
N LEU A 281 -16.46 -8.93 17.27
CA LEU A 281 -16.81 -8.01 16.19
C LEU A 281 -18.20 -8.30 15.68
N ARG A 282 -18.58 -9.58 15.65
CA ARG A 282 -19.83 -10.03 15.09
C ARG A 282 -20.93 -9.45 15.97
N SER A 283 -20.69 -9.45 17.28
CA SER A 283 -21.63 -8.93 18.26
C SER A 283 -21.64 -7.39 18.41
N ASP A 284 -20.57 -6.67 18.04
CA ASP A 284 -20.58 -5.22 18.21
C ASP A 284 -20.25 -4.51 16.89
N PRO A 285 -21.24 -4.47 15.99
CA PRO A 285 -21.07 -3.83 14.67
C PRO A 285 -20.45 -2.44 14.77
N LEU A 286 -20.83 -1.68 15.79
CA LEU A 286 -20.23 -0.36 15.95
C LEU A 286 -18.71 -0.38 16.26
N LYS A 287 -18.31 -1.30 17.11
CA LYS A 287 -16.90 -1.51 17.42
C LYS A 287 -16.15 -1.96 16.18
N LEU A 288 -16.76 -2.84 15.38
CA LEU A 288 -16.17 -3.22 14.10
C LEU A 288 -15.90 -1.99 13.19
N MET A 289 -16.95 -1.22 12.94
CA MET A 289 -16.89 0.00 12.09
C MET A 289 -15.85 1.01 12.63
N ARG A 290 -15.80 1.18 13.95
CA ARG A 290 -14.84 2.11 14.55
C ARG A 290 -13.37 1.70 14.61
N GLY A 291 -13.06 0.47 14.18
CA GLY A 291 -11.76 -0.18 14.39
C GLY A 291 -10.93 -0.35 13.13
N ALA A 292 -11.21 0.46 12.11
CA ALA A 292 -10.41 0.36 10.90
C ALA A 292 -8.98 0.83 11.18
N GLU A 293 -8.84 1.90 11.99
CA GLU A 293 -7.53 2.50 12.23
C GLU A 293 -6.71 1.44 12.88
N GLU A 294 -7.32 0.69 13.80
CA GLU A 294 -6.59 -0.39 14.51
C GLU A 294 -6.02 -1.46 13.58
N MET A 295 -6.78 -1.81 12.55
CA MET A 295 -6.31 -2.80 11.57
C MET A 295 -5.21 -2.24 10.74
N PHE A 296 -5.32 -0.97 10.36
CA PHE A 296 -4.22 -0.35 9.61
C PHE A 296 -2.94 -0.28 10.42
N ARG A 297 -3.05 0.09 11.69
CA ARG A 297 -1.85 0.05 12.50
C ARG A 297 -1.19 -1.32 12.55
N ARG A 298 -2.01 -2.36 12.71
CA ARG A 298 -1.47 -3.70 13.08
C ARG A 298 -0.94 -4.41 11.85
N PHE A 299 -1.45 -4.03 10.65
CA PHE A 299 -0.95 -4.74 9.46
C PHE A 299 -0.38 -3.77 8.39
N PRO A 300 0.65 -2.95 8.73
CA PRO A 300 1.15 -2.06 7.65
C PRO A 300 1.83 -2.90 6.54
N VAL A 301 1.78 -2.44 5.28
CA VAL A 301 2.31 -3.20 4.17
C VAL A 301 3.35 -2.45 3.32
N VAL A 302 3.46 -1.11 3.48
CA VAL A 302 4.33 -0.34 2.58
C VAL A 302 5.73 -0.01 3.12
N SER A 303 6.79 -0.14 2.29
CA SER A 303 8.15 0.35 2.66
C SER A 303 8.70 1.04 1.47
N GLU A 304 8.19 2.25 1.23
CA GLU A 304 8.77 3.20 0.32
C GLU A 304 9.91 3.94 1.00
N ALA A 305 10.51 4.92 0.29
CA ALA A 305 11.67 5.62 0.79
C ALA A 305 11.61 7.10 0.54
N ARG A 306 12.51 7.86 1.14
CA ARG A 306 12.70 9.28 0.82
C ARG A 306 14.18 9.39 0.53
N MET A 307 14.52 10.39 -0.28
CA MET A 307 15.90 10.71 -0.62
C MET A 307 16.29 11.92 0.17
N VAL A 308 17.42 11.80 0.85
CA VAL A 308 18.02 12.94 1.56
C VAL A 308 18.18 14.08 0.55
N ALA A 309 17.54 15.21 0.83
CA ALA A 309 17.37 16.34 -0.11
C ALA A 309 18.56 17.27 -0.18
N LYS A 310 19.35 17.24 0.88
CA LYS A 310 20.49 18.13 1.06
C LYS A 310 21.32 17.53 2.18
N ASP A 311 22.66 17.76 2.20
CA ASP A 311 23.54 17.29 3.25
C ASP A 311 22.96 17.80 4.50
N GLN A 312 23.13 17.09 5.62
CA GLN A 312 22.49 17.52 6.83
C GLN A 312 22.82 16.53 7.92
N GLU A 313 22.84 16.93 9.17
CA GLU A 313 22.98 15.98 10.27
C GLU A 313 21.61 15.48 10.67
N TYR A 314 21.48 14.18 11.02
CA TYR A 314 20.21 13.62 11.45
C TYR A 314 20.45 12.35 12.28
N LYS A 315 19.78 12.25 13.41
CA LYS A 315 19.90 11.04 14.25
C LYS A 315 21.38 10.61 14.54
N GLY A 316 22.28 11.57 14.71
CA GLY A 316 23.69 11.19 15.08
C GLY A 316 24.63 10.96 13.88
N VAL A 317 24.11 11.03 12.65
CA VAL A 317 24.97 10.82 11.48
C VAL A 317 24.89 11.98 10.57
N PHE A 318 25.85 12.05 9.66
CA PHE A 318 25.84 13.07 8.67
C PHE A 318 25.24 12.42 7.42
N LEU A 319 24.05 12.85 7.00
CA LEU A 319 23.47 12.34 5.74
C LEU A 319 23.86 13.17 4.52
N LYS A 320 24.09 12.51 3.40
CA LYS A 320 24.48 13.24 2.22
C LYS A 320 23.31 13.40 1.26
N ARG A 321 23.25 14.54 0.55
CA ARG A 321 22.23 14.64 -0.51
CA ARG A 321 22.25 14.65 -0.52
C ARG A 321 22.32 13.42 -1.41
N GLY A 322 21.17 12.81 -1.70
CA GLY A 322 21.16 11.60 -2.52
C GLY A 322 21.20 10.25 -1.78
N ASP A 323 21.58 10.25 -0.51
CA ASP A 323 21.38 9.00 0.30
C ASP A 323 19.87 8.67 0.30
N MET A 324 19.48 7.40 0.49
CA MET A 324 18.07 7.02 0.60
C MET A 324 17.75 6.57 2.05
N ILE A 325 16.53 6.87 2.52
CA ILE A 325 16.08 6.28 3.81
C ILE A 325 14.82 5.50 3.55
N LEU A 326 14.91 4.21 3.77
CA LEU A 326 13.75 3.31 3.74
C LEU A 326 12.88 3.55 4.97
N LEU A 327 11.55 3.65 4.76
CA LEU A 327 10.56 3.90 5.80
C LEU A 327 9.66 2.65 5.86
N PRO A 328 10.09 1.61 6.58
CA PRO A 328 9.24 0.43 6.67
C PRO A 328 8.07 0.86 7.62
N THR A 329 6.85 1.05 7.11
CA THR A 329 5.80 1.52 7.96
C THR A 329 5.39 0.44 9.03
N ALA A 330 5.71 -0.82 8.79
CA ALA A 330 5.61 -1.86 9.84
C ALA A 330 6.22 -1.44 11.19
N LEU A 331 7.31 -0.65 11.15
CA LEU A 331 8.10 -0.27 12.28
C LEU A 331 7.52 0.91 13.05
N HIS A 332 6.41 1.49 12.55
CA HIS A 332 5.66 2.46 13.32
C HIS A 332 4.45 1.77 14.00
N GLY A 333 3.52 1.24 13.21
CA GLY A 333 2.37 0.53 13.82
C GLY A 333 2.75 -0.52 14.88
N LEU A 334 3.82 -1.27 14.66
CA LEU A 334 4.21 -2.37 15.58
C LEU A 334 5.26 -1.95 16.59
N ASP A 335 5.53 -0.64 16.66
CA ASP A 335 6.55 -0.08 17.55
C ASP A 335 5.93 -0.04 18.99
N ASP A 336 6.50 -0.81 19.92
CA ASP A 336 5.95 -0.69 21.30
C ASP A 336 6.22 0.64 22.00
N ALA A 337 7.15 1.46 21.51
CA ALA A 337 7.29 2.78 22.14
C ALA A 337 6.12 3.69 21.72
N ALA A 338 5.47 3.32 20.62
CA ALA A 338 4.34 4.11 20.13
C ALA A 338 3.00 3.57 20.57
N ASN A 339 2.86 2.23 20.65
CA ASN A 339 1.60 1.55 20.93
C ASN A 339 1.90 0.41 21.86
N PRO A 340 1.61 0.55 23.16
CA PRO A 340 1.94 -0.63 24.07
C PRO A 340 1.24 -1.89 23.66
N GLU A 341 1.89 -3.02 23.92
CA GLU A 341 1.42 -4.32 23.48
C GLU A 341 0.94 -4.23 21.99
N PRO A 342 1.86 -3.91 21.08
CA PRO A 342 1.55 -3.66 19.65
C PRO A 342 1.10 -4.90 18.90
N TRP A 343 1.35 -6.13 19.41
CA TRP A 343 0.91 -7.29 18.59
C TRP A 343 -0.59 -7.53 18.69
N LYS A 344 -1.20 -7.00 19.76
CA LYS A 344 -2.66 -7.17 19.94
C LYS A 344 -3.49 -6.32 19.03
N LEU A 345 -4.37 -6.99 18.26
CA LEU A 345 -5.41 -6.31 17.51
C LEU A 345 -6.52 -6.03 18.51
N ASP A 346 -6.49 -4.80 19.02
CA ASP A 346 -7.35 -4.32 20.05
C ASP A 346 -8.34 -3.28 19.57
N PHE A 347 -9.57 -3.69 19.30
CA PHE A 347 -10.63 -2.76 18.88
C PHE A 347 -11.08 -1.69 19.86
N SER A 348 -10.58 -1.76 21.09
CA SER A 348 -10.70 -0.69 22.10
C SER A 348 -9.46 0.14 22.35
N ARG A 349 -8.38 -0.14 21.66
CA ARG A 349 -7.22 0.68 21.76
C ARG A 349 -7.49 2.20 21.65
N ARG A 350 -6.98 2.97 22.62
CA ARG A 350 -7.36 4.39 22.72
C ARG A 350 -6.53 5.31 21.78
N SER A 351 -5.24 5.03 21.70
CA SER A 351 -4.34 5.90 20.95
CA SER A 351 -4.28 5.89 21.01
C SER A 351 -3.65 5.02 19.93
N ILE A 352 -4.05 5.20 18.67
CA ILE A 352 -3.63 4.30 17.61
C ILE A 352 -2.66 5.07 16.72
N SER A 353 -1.36 4.90 16.98
CA SER A 353 -0.29 5.66 16.33
C SER A 353 0.24 4.77 15.17
N HIS A 354 0.27 5.31 13.92
CA HIS A 354 0.90 4.52 12.84
C HIS A 354 1.26 5.45 11.69
N SER A 355 2.03 4.93 10.73
CA SER A 355 2.24 5.62 9.47
C SER A 355 1.86 4.68 8.30
N THR A 356 0.79 3.92 8.46
CA THR A 356 0.43 2.89 7.46
C THR A 356 0.05 3.56 6.12
N PHE A 357 -0.45 4.79 6.20
CA PHE A 357 -0.67 5.60 4.99
C PHE A 357 0.44 6.59 4.73
N GLY A 358 1.61 6.39 5.35
CA GLY A 358 2.69 7.39 5.19
C GLY A 358 2.42 8.64 6.04
N GLY A 359 2.87 9.80 5.59
CA GLY A 359 2.70 11.11 6.35
C GLY A 359 3.16 12.19 5.38
N GLY A 360 3.11 13.47 5.82
CA GLY A 360 3.47 14.63 5.01
C GLY A 360 2.49 14.80 3.85
N PRO A 361 2.85 15.61 2.83
CA PRO A 361 1.93 15.85 1.75
C PRO A 361 1.51 14.65 0.88
N HIS A 362 2.31 13.59 0.83
CA HIS A 362 1.98 12.35 0.02
C HIS A 362 1.16 11.33 0.79
N ARG A 363 0.74 11.67 1.99
CA ARG A 363 -0.06 10.78 2.82
C ARG A 363 -1.25 10.23 2.05
N CYS A 364 -1.48 8.93 2.12
CA CYS A 364 -2.35 8.21 1.19
C CYS A 364 -3.59 8.94 0.69
N ALA A 365 -3.64 9.27 -0.58
CA ALA A 365 -4.91 9.87 -1.09
C ALA A 365 -6.13 8.93 -0.99
N GLY A 366 -5.82 7.65 -1.07
CA GLY A 366 -6.82 6.59 -0.96
C GLY A 366 -7.21 6.14 0.46
N MET A 367 -6.83 6.93 1.50
CA MET A 367 -7.02 6.37 2.83
C MET A 367 -8.50 6.27 3.23
N HIS A 368 -9.34 7.20 2.78
CA HIS A 368 -10.78 7.12 3.06
C HIS A 368 -11.44 5.92 2.31
N LEU A 369 -11.01 5.70 1.08
CA LEU A 369 -11.49 4.52 0.30
C LEU A 369 -10.98 3.25 1.00
N ALA A 370 -9.69 3.21 1.36
CA ALA A 370 -9.21 2.02 2.08
C ALA A 370 -10.02 1.65 3.36
N ARG A 371 -10.29 2.63 4.25
CA ARG A 371 -11.09 2.38 5.42
C ARG A 371 -12.45 1.82 5.04
N MET A 372 -13.15 2.47 4.10
CA MET A 372 -14.46 1.95 3.73
C MET A 372 -14.38 0.50 3.12
N GLU A 373 -13.35 0.22 2.32
CA GLU A 373 -13.19 -1.12 1.70
C GLU A 373 -13.02 -2.18 2.75
N VAL A 374 -12.16 -1.86 3.74
CA VAL A 374 -11.93 -2.80 4.80
C VAL A 374 -13.15 -3.05 5.67
N ILE A 375 -13.90 -2.01 6.03
CA ILE A 375 -15.00 -2.17 6.93
C ILE A 375 -16.13 -2.96 6.25
N VAL A 376 -16.49 -2.49 5.08
CA VAL A 376 -17.50 -3.12 4.17
C VAL A 376 -17.18 -4.61 3.85
N THR A 377 -15.91 -4.91 3.62
CA THR A 377 -15.47 -6.29 3.38
C THR A 377 -15.77 -7.13 4.59
N LEU A 378 -15.37 -6.59 5.74
CA LEU A 378 -15.54 -7.27 7.02
C LEU A 378 -17.03 -7.43 7.44
N GLU A 379 -17.86 -6.39 7.32
CA GLU A 379 -19.30 -6.47 7.53
C GLU A 379 -19.97 -7.51 6.62
N GLU A 380 -19.65 -7.47 5.32
CA GLU A 380 -20.25 -8.35 4.32
C GLU A 380 -19.81 -9.80 4.49
N TRP A 381 -18.59 -9.97 4.96
CA TRP A 381 -18.07 -11.27 5.32
C TRP A 381 -18.83 -11.88 6.47
N LEU A 382 -18.91 -11.18 7.59
CA LEU A 382 -19.54 -11.76 8.77
C LEU A 382 -21.06 -11.99 8.63
N LYS A 383 -21.71 -11.25 7.74
CA LYS A 383 -23.13 -11.48 7.46
C LYS A 383 -23.36 -12.92 6.93
N ARG A 384 -22.46 -13.38 6.04
CA ARG A 384 -22.53 -14.66 5.34
C ARG A 384 -21.73 -15.81 5.91
N ILE A 385 -20.73 -15.48 6.75
CA ILE A 385 -19.66 -16.37 7.21
C ILE A 385 -19.19 -15.88 8.57
N PRO A 386 -20.02 -16.04 9.61
CA PRO A 386 -19.81 -15.52 10.98
C PRO A 386 -18.71 -16.22 11.79
N GLU A 387 -18.37 -17.42 11.33
CA GLU A 387 -17.37 -18.26 11.99
C GLU A 387 -16.50 -18.87 10.91
N PHE A 388 -15.19 -18.88 11.11
CA PHE A 388 -14.32 -19.42 10.06
C PHE A 388 -12.89 -19.61 10.60
N SER A 389 -12.10 -20.44 9.91
CA SER A 389 -10.76 -20.71 10.39
C SER A 389 -9.89 -20.91 9.17
N PHE A 390 -8.60 -21.04 9.39
CA PHE A 390 -7.67 -21.27 8.30
C PHE A 390 -7.48 -22.81 8.06
N LYS A 391 -7.51 -23.27 6.80
CA LYS A 391 -7.46 -24.72 6.50
C LYS A 391 -6.31 -25.45 7.21
N GLU A 392 -6.62 -26.54 7.93
CA GLU A 392 -5.58 -27.33 8.62
C GLU A 392 -4.51 -27.81 7.63
N GLY A 393 -3.28 -27.91 8.08
CA GLY A 393 -2.21 -28.28 7.17
C GLY A 393 -1.84 -27.31 6.05
N GLU A 394 -2.36 -26.09 6.06
CA GLU A 394 -1.88 -25.07 5.08
C GLU A 394 -1.12 -23.89 5.79
N THR A 395 -0.21 -23.25 5.06
CA THR A 395 0.44 -22.07 5.59
C THR A 395 0.49 -20.95 4.51
N PRO A 396 0.38 -19.65 4.91
CA PRO A 396 0.50 -18.60 3.89
C PRO A 396 1.93 -18.49 3.42
N ILE A 397 2.11 -17.86 2.29
CA ILE A 397 3.42 -17.71 1.70
C ILE A 397 3.66 -16.16 1.64
N TYR A 398 4.74 -15.68 2.24
CA TYR A 398 5.04 -14.24 2.37
C TYR A 398 6.22 -13.79 1.53
N HIS A 399 6.20 -12.54 1.06
CA HIS A 399 7.39 -11.90 0.54
C HIS A 399 7.49 -10.49 1.08
N SER A 400 8.69 -9.96 1.19
CA SER A 400 8.85 -8.55 1.53
C SER A 400 9.28 -7.75 0.30
N GLY A 401 9.19 -6.43 0.38
CA GLY A 401 9.48 -5.63 -0.78
C GLY A 401 8.94 -4.26 -0.54
N ILE A 402 8.58 -3.55 -1.61
CA ILE A 402 7.94 -2.25 -1.42
C ILE A 402 6.59 -2.39 -0.78
N VAL A 403 5.84 -3.36 -1.25
CA VAL A 403 4.55 -3.67 -0.73
C VAL A 403 4.65 -5.11 -0.25
N ALA A 404 4.34 -5.35 1.02
CA ALA A 404 4.27 -6.73 1.58
C ALA A 404 3.31 -7.66 0.78
N ALA A 405 3.74 -8.90 0.50
CA ALA A 405 2.99 -9.82 -0.32
C ALA A 405 2.63 -11.09 0.52
N VAL A 406 1.38 -11.51 0.46
CA VAL A 406 1.01 -12.79 1.04
C VAL A 406 -0.02 -13.44 0.12
N GLU A 407 0.11 -14.75 -0.04
CA GLU A 407 -0.88 -15.55 -0.75
C GLU A 407 -1.06 -16.89 -0.06
N ASN A 408 -1.99 -17.70 -0.63
CA ASN A 408 -2.44 -18.99 -0.07
C ASN A 408 -3.09 -18.78 1.28
N VAL A 409 -4.35 -18.40 1.22
CA VAL A 409 -5.19 -18.11 2.35
C VAL A 409 -6.48 -18.97 2.26
N PRO A 410 -6.31 -20.33 2.38
CA PRO A 410 -7.45 -21.20 2.37
C PRO A 410 -8.21 -21.05 3.66
N LEU A 411 -9.48 -20.66 3.56
CA LEU A 411 -10.19 -20.55 4.83
C LEU A 411 -11.36 -21.53 4.76
N VAL A 412 -11.86 -21.98 5.90
CA VAL A 412 -13.00 -22.89 5.91
C VAL A 412 -14.04 -22.47 6.93
N TRP A 413 -15.31 -22.83 6.69
CA TRP A 413 -16.39 -22.47 7.60
C TRP A 413 -17.49 -23.54 7.54
N PRO A 414 -18.19 -23.79 8.68
CA PRO A 414 -19.37 -24.68 8.78
C PRO A 414 -20.47 -24.41 7.75
N ILE A 415 -21.04 -25.47 7.21
CA ILE A 415 -22.14 -25.39 6.25
C ILE A 415 -23.27 -26.40 6.55
#